data_3WDG
#
_entry.id   3WDG
#
_cell.length_a   51.602
_cell.length_b   86.367
_cell.length_c   88.518
_cell.angle_alpha   90.00
_cell.angle_beta   90.00
_cell.angle_gamma   90.00
#
_symmetry.space_group_name_H-M   'P 21 21 21'
#
loop_
_entity.id
_entity.type
_entity.pdbx_description
1 polymer 'Uracil-DNA glycosylase'
2 polymer 'Uncharacterized protein'
3 water water
#
loop_
_entity_poly.entity_id
_entity_poly.type
_entity_poly.pdbx_seq_one_letter_code
_entity_poly.pdbx_strand_id
1 'polypeptide(L)'
;MEWSQIFHDITTKHDFKAMHDFLEKEYSTAIVYPDRENIYQAFDLTPFENIKVVILGQDPYHGPNQAHGLAFSVQPNAKF
PPSLRNMYKELADDIGCVRQTPHLQDWAREGVLLLNTVLTVRQGEANSHRDIGWETFTDEIIKAVSDYKEHVVFILWGKP
AQQKIKLIDTSKHCIIKSVHPSPLSAYRGFFGSKPYSKANTYLESVGKSPINWCESEALEHHHHHH
;
A
2 'polypeptide(L)'
;MTLELQLKHYITNLFNLPKDEKWECESIEEIADDILPDQYVRLGALSNKILQTYTYYSDTLHESNIYPFILYYQKQLIAI
GYIDENHDMDFLYLHNTIMPLLDQRYLLTGGQ
;
B
#
# COMPACT_ATOMS: atom_id res chain seq x y z
N MET A 1 -1.26 -25.42 13.95
CA MET A 1 -2.17 -24.35 14.40
C MET A 1 -2.80 -23.74 13.14
N GLU A 2 -4.11 -23.51 13.23
CA GLU A 2 -4.94 -23.15 12.06
C GLU A 2 -5.59 -21.80 12.24
N TRP A 3 -5.79 -21.10 11.12
CA TRP A 3 -6.48 -19.81 11.09
C TRP A 3 -7.82 -19.88 11.80
N SER A 4 -8.59 -20.95 11.58
CA SER A 4 -9.91 -21.06 12.21
C SER A 4 -9.80 -21.00 13.73
N GLN A 5 -8.77 -21.65 14.30
CA GLN A 5 -8.58 -21.55 15.74
C GLN A 5 -8.24 -20.12 16.20
N ILE A 6 -7.36 -19.46 15.45
CA ILE A 6 -6.94 -18.07 15.74
C ILE A 6 -8.11 -17.10 15.59
N PHE A 7 -8.87 -17.21 14.52
CA PHE A 7 -10.03 -16.37 14.31
C PHE A 7 -11.03 -16.57 15.44
N HIS A 8 -11.27 -17.83 15.82
CA HIS A 8 -12.15 -18.04 16.94
C HIS A 8 -11.67 -17.27 18.16
N ASP A 9 -10.37 -17.30 18.46
CA ASP A 9 -9.84 -16.56 19.62
C ASP A 9 -10.08 -15.09 19.53
N ILE A 10 -9.93 -14.57 18.32
CA ILE A 10 -10.03 -13.14 18.13
C ILE A 10 -11.49 -12.70 18.22
N THR A 11 -12.39 -13.46 17.64
CA THR A 11 -13.81 -13.06 17.61
C THR A 11 -14.47 -13.30 18.98
N THR A 12 -13.78 -13.97 19.86
CA THR A 12 -14.25 -14.16 21.22
C THR A 12 -13.78 -13.02 22.12
N LYS A 13 -12.55 -12.59 21.90
CA LYS A 13 -12.02 -11.53 22.68
C LYS A 13 -12.58 -10.14 22.32
N HIS A 14 -12.98 -9.94 21.07
CA HIS A 14 -13.58 -8.67 20.63
C HIS A 14 -14.91 -8.96 19.97
N ASP A 15 -15.83 -8.02 20.09
CA ASP A 15 -17.15 -8.23 19.53
C ASP A 15 -17.25 -7.49 18.20
N PHE A 16 -17.25 -8.24 17.10
CA PHE A 16 -17.24 -7.64 15.76
C PHE A 16 -18.63 -7.50 15.11
N LYS A 17 -19.69 -7.73 15.88
CA LYS A 17 -21.06 -7.71 15.36
C LYS A 17 -21.38 -6.39 14.67
N ALA A 18 -21.04 -5.28 15.30
CA ALA A 18 -21.27 -3.99 14.67
C ALA A 18 -20.47 -3.82 13.35
N MET A 19 -19.27 -4.42 13.24
CA MET A 19 -18.52 -4.35 11.99
C MET A 19 -19.24 -5.12 10.90
N HIS A 20 -19.63 -6.35 11.18
CA HIS A 20 -20.37 -7.17 10.21
C HIS A 20 -21.71 -6.54 9.76
N ASP A 21 -22.41 -5.88 10.69
CA ASP A 21 -23.64 -5.14 10.36
C ASP A 21 -23.34 -3.94 9.49
N PHE A 22 -22.26 -3.23 9.81
CA PHE A 22 -21.84 -2.11 8.96
C PHE A 22 -21.46 -2.61 7.53
N LEU A 23 -20.72 -3.72 7.46
CA LEU A 23 -20.32 -4.26 6.14
C LEU A 23 -21.51 -4.82 5.34
N GLU A 24 -22.40 -5.57 5.98
CA GLU A 24 -23.62 -6.02 5.32
C GLU A 24 -24.32 -4.85 4.60
N LYS A 25 -24.55 -3.75 5.31
CA LYS A 25 -25.15 -2.57 4.73
C LYS A 25 -24.28 -1.88 3.64
N GLU A 26 -22.96 -1.91 3.81
CA GLU A 26 -22.05 -1.36 2.80
C GLU A 26 -22.08 -2.12 1.49
N TYR A 27 -22.03 -3.45 1.56
CA TYR A 27 -22.11 -4.28 0.37
C TYR A 27 -23.48 -4.23 -0.32
N SER A 28 -24.53 -3.87 0.41
CA SER A 28 -25.88 -3.72 -0.18
C SER A 28 -26.11 -2.39 -0.85
N THR A 29 -25.56 -1.34 -0.27
CA THR A 29 -25.94 0.00 -0.68
C THR A 29 -24.81 0.71 -1.38
N ALA A 30 -23.64 0.08 -1.45
CA ALA A 30 -22.52 0.75 -2.05
C ALA A 30 -21.62 -0.23 -2.82
N ILE A 31 -20.56 0.29 -3.43
CA ILE A 31 -19.57 -0.55 -4.13
C ILE A 31 -18.37 -0.69 -3.21
N VAL A 32 -18.19 -1.92 -2.69
CA VAL A 32 -17.12 -2.25 -1.77
C VAL A 32 -16.19 -3.29 -2.39
N TYR A 33 -14.88 -3.03 -2.24
CA TYR A 33 -13.81 -3.94 -2.63
C TYR A 33 -13.02 -4.47 -1.46
N PRO A 34 -12.44 -5.68 -1.61
CA PRO A 34 -12.62 -6.48 -2.84
C PRO A 34 -13.99 -7.15 -2.81
N ASP A 35 -14.31 -7.96 -3.83
CA ASP A 35 -15.51 -8.81 -3.79
C ASP A 35 -15.58 -9.53 -2.44
N ARG A 36 -16.76 -9.70 -1.87
CA ARG A 36 -16.88 -10.20 -0.50
C ARG A 36 -16.19 -11.54 -0.27
N GLU A 37 -16.27 -12.40 -1.28
CA GLU A 37 -15.80 -13.74 -1.10
C GLU A 37 -14.26 -13.78 -1.09
N ASN A 38 -13.62 -12.63 -1.33
CA ASN A 38 -12.15 -12.55 -1.44
C ASN A 38 -11.50 -11.85 -0.23
N ILE A 39 -12.33 -11.44 0.73
CA ILE A 39 -11.90 -10.58 1.82
C ILE A 39 -10.74 -11.21 2.59
N TYR A 40 -10.78 -12.55 2.73
CA TYR A 40 -9.81 -13.31 3.50
C TYR A 40 -8.85 -14.11 2.62
N GLN A 41 -8.74 -13.75 1.36
CA GLN A 41 -7.93 -14.54 0.45
C GLN A 41 -6.48 -14.74 0.91
N ALA A 42 -5.89 -13.75 1.58
CA ALA A 42 -4.52 -13.90 2.09
C ALA A 42 -4.40 -15.07 3.07
N PHE A 43 -5.44 -15.23 3.89
CA PHE A 43 -5.51 -16.36 4.84
C PHE A 43 -5.80 -17.68 4.10
N ASP A 44 -6.65 -17.65 3.07
CA ASP A 44 -6.98 -18.86 2.32
C ASP A 44 -5.73 -19.39 1.57
N LEU A 45 -4.91 -18.49 1.05
CA LEU A 45 -3.74 -18.88 0.25
C LEU A 45 -2.46 -19.16 1.03
N THR A 46 -2.35 -18.60 2.24
CA THR A 46 -1.18 -18.85 3.07
C THR A 46 -1.68 -19.42 4.43
N PRO A 47 -1.88 -20.75 4.49
CA PRO A 47 -2.25 -21.31 5.78
C PRO A 47 -1.24 -20.88 6.89
N PHE A 48 -1.68 -20.86 8.14
CA PHE A 48 -0.84 -20.38 9.26
C PHE A 48 0.52 -21.09 9.37
N GLU A 49 0.44 -22.42 9.29
CA GLU A 49 1.62 -23.28 9.35
C GLU A 49 2.65 -23.06 8.22
N ASN A 50 2.19 -22.47 7.11
CA ASN A 50 3.00 -22.19 5.93
C ASN A 50 3.67 -20.80 5.92
N ILE A 51 3.32 -19.89 6.84
CA ILE A 51 3.84 -18.52 6.77
C ILE A 51 5.36 -18.48 6.93
N LYS A 52 6.08 -17.85 6.02
CA LYS A 52 7.49 -17.66 6.24
C LYS A 52 7.81 -16.21 6.27
N VAL A 53 7.04 -15.40 5.54
CA VAL A 53 7.26 -13.95 5.41
C VAL A 53 5.92 -13.26 5.55
N VAL A 54 5.86 -12.15 6.27
CA VAL A 54 4.64 -11.36 6.35
C VAL A 54 4.94 -9.99 5.74
N ILE A 55 4.15 -9.62 4.74
CA ILE A 55 4.28 -8.30 4.17
C ILE A 55 2.98 -7.54 4.45
N LEU A 56 3.09 -6.41 5.15
CA LEU A 56 1.93 -5.60 5.50
C LEU A 56 1.64 -4.57 4.46
N GLY A 57 0.37 -4.54 4.05
CA GLY A 57 -0.15 -3.48 3.19
C GLY A 57 -1.04 -2.60 4.05
N GLN A 58 -1.76 -1.69 3.41
CA GLN A 58 -2.62 -0.76 4.11
C GLN A 58 -4.10 -1.09 3.79
N ASP A 59 -4.69 -0.39 2.84
CA ASP A 59 -6.06 -0.62 2.41
C ASP A 59 -6.01 -1.38 1.09
N PRO A 60 -7.10 -2.12 0.74
CA PRO A 60 -7.21 -2.68 -0.62
C PRO A 60 -7.33 -1.56 -1.65
N TYR A 61 -6.84 -1.84 -2.86
CA TYR A 61 -7.07 -0.98 -4.01
C TYR A 61 -8.54 -0.65 -4.09
N HIS A 62 -8.84 0.60 -4.40
CA HIS A 62 -10.25 1.02 -4.39
C HIS A 62 -10.86 1.28 -5.78
N GLY A 63 -10.25 0.72 -6.81
CA GLY A 63 -10.78 0.85 -8.18
C GLY A 63 -11.31 -0.51 -8.65
N PRO A 64 -12.16 -0.51 -9.69
CA PRO A 64 -12.76 -1.73 -10.27
C PRO A 64 -11.73 -2.72 -10.78
N ASN A 65 -11.91 -4.01 -10.42
CA ASN A 65 -11.11 -5.13 -10.96
C ASN A 65 -9.63 -5.03 -10.55
N GLN A 66 -9.35 -4.34 -9.44
CA GLN A 66 -7.98 -4.27 -8.93
C GLN A 66 -7.81 -5.22 -7.76
N ALA A 67 -8.42 -4.89 -6.61
CA ALA A 67 -8.18 -5.70 -5.40
C ALA A 67 -8.81 -7.10 -5.47
N HIS A 68 -8.20 -8.07 -4.82
CA HIS A 68 -8.77 -9.41 -4.72
C HIS A 68 -8.38 -10.08 -3.40
N GLY A 69 -8.08 -9.28 -2.36
CA GLY A 69 -7.85 -9.82 -1.00
C GLY A 69 -6.39 -10.12 -0.65
N LEU A 70 -5.46 -9.64 -1.48
CA LEU A 70 -4.02 -9.73 -1.16
C LEU A 70 -3.42 -8.33 -1.12
N ALA A 71 -2.60 -8.03 -0.12
CA ALA A 71 -1.78 -6.79 -0.14
C ALA A 71 -1.05 -6.71 -1.44
N PHE A 72 -1.04 -5.52 -2.06
CA PHE A 72 -0.21 -5.15 -3.23
C PHE A 72 -0.61 -5.78 -4.60
N SER A 73 -1.03 -7.03 -4.58
CA SER A 73 -1.48 -7.76 -5.77
C SER A 73 -2.70 -7.12 -6.46
N VAL A 74 -2.76 -7.17 -7.78
CA VAL A 74 -4.02 -6.86 -8.48
C VAL A 74 -4.35 -8.09 -9.29
N GLN A 75 -5.57 -8.10 -9.82
CA GLN A 75 -6.07 -9.18 -10.66
C GLN A 75 -5.21 -9.32 -11.96
N PRO A 76 -5.01 -10.57 -12.46
CA PRO A 76 -4.01 -10.87 -13.52
C PRO A 76 -4.04 -9.90 -14.73
N ASN A 77 -5.21 -9.44 -15.16
CA ASN A 77 -5.27 -8.52 -16.34
C ASN A 77 -5.26 -7.02 -16.03
N ALA A 78 -5.24 -6.66 -14.75
CA ALA A 78 -5.21 -5.25 -14.29
C ALA A 78 -3.84 -4.61 -14.53
N LYS A 79 -3.79 -3.29 -14.64
CA LYS A 79 -2.53 -2.55 -14.87
C LYS A 79 -1.72 -2.52 -13.58
N PHE A 80 -0.43 -2.26 -13.72
CA PHE A 80 0.52 -2.17 -12.60
C PHE A 80 0.35 -0.93 -11.74
N PRO A 81 -0.01 -1.11 -10.47
CA PRO A 81 0.02 0.05 -9.56
C PRO A 81 1.47 0.59 -9.37
N PRO A 82 1.62 1.90 -9.07
CA PRO A 82 2.98 2.45 -8.97
C PRO A 82 3.85 1.71 -7.92
N SER A 83 3.31 1.46 -6.73
CA SER A 83 4.07 0.72 -5.70
C SER A 83 4.54 -0.70 -6.16
N LEU A 84 3.68 -1.44 -6.86
CA LEU A 84 4.02 -2.78 -7.31
C LEU A 84 5.09 -2.72 -8.40
N ARG A 85 4.95 -1.76 -9.31
CA ARG A 85 5.97 -1.50 -10.30
C ARG A 85 7.35 -1.30 -9.62
N ASN A 86 7.36 -0.54 -8.53
CA ASN A 86 8.61 -0.30 -7.85
C ASN A 86 9.15 -1.54 -7.12
N MET A 87 8.22 -2.31 -6.54
CA MET A 87 8.56 -3.57 -5.88
C MET A 87 9.24 -4.54 -6.87
N TYR A 88 8.72 -4.57 -8.10
CA TYR A 88 9.25 -5.45 -9.14
C TYR A 88 10.59 -4.96 -9.70
N LYS A 89 10.78 -3.66 -9.74
CA LYS A 89 12.05 -3.09 -10.13
C LYS A 89 13.13 -3.45 -9.08
N GLU A 90 12.82 -3.22 -7.80
CA GLU A 90 13.73 -3.66 -6.76
C GLU A 90 13.97 -5.21 -6.85
N LEU A 91 12.89 -5.97 -7.05
CA LEU A 91 13.03 -7.40 -7.24
C LEU A 91 14.05 -7.77 -8.34
N ALA A 92 13.90 -7.18 -9.52
CA ALA A 92 14.85 -7.37 -10.61
C ALA A 92 16.26 -6.98 -10.23
N ASP A 93 16.44 -5.89 -9.47
CA ASP A 93 17.82 -5.50 -9.05
C ASP A 93 18.43 -6.34 -7.91
N ASP A 94 17.55 -6.92 -7.09
CA ASP A 94 17.95 -7.64 -5.91
C ASP A 94 18.12 -9.13 -6.24
N ILE A 95 17.01 -9.81 -6.56
CA ILE A 95 17.05 -11.25 -6.85
C ILE A 95 17.51 -11.53 -8.29
N GLY A 96 17.22 -10.64 -9.23
CA GLY A 96 17.52 -10.86 -10.64
C GLY A 96 16.33 -11.18 -11.56
N CYS A 97 15.25 -11.70 -11.04
CA CYS A 97 14.16 -12.08 -11.90
C CYS A 97 13.17 -10.96 -12.25
N VAL A 98 12.48 -11.15 -13.38
CA VAL A 98 11.57 -10.16 -13.93
C VAL A 98 10.19 -10.76 -13.85
N ARG A 99 9.28 -10.08 -13.16
CA ARG A 99 7.88 -10.51 -13.16
C ARG A 99 7.10 -9.62 -14.10
N GLN A 100 6.21 -10.19 -14.90
CA GLN A 100 5.31 -9.39 -15.70
C GLN A 100 3.86 -9.53 -15.24
N THR A 101 3.50 -10.57 -14.49
CA THR A 101 2.14 -10.62 -13.95
C THR A 101 2.06 -9.74 -12.69
N PRO A 102 0.94 -8.98 -12.52
CA PRO A 102 0.79 -8.15 -11.32
C PRO A 102 0.09 -8.91 -10.20
N HIS A 103 -0.10 -10.20 -10.40
CA HIS A 103 -0.83 -11.06 -9.49
C HIS A 103 0.15 -11.81 -8.57
N LEU A 104 -0.12 -11.79 -7.25
CA LEU A 104 0.85 -12.30 -6.25
C LEU A 104 0.35 -13.57 -5.57
N GLN A 105 -0.54 -14.31 -6.23
CA GLN A 105 -1.03 -15.54 -5.61
C GLN A 105 0.11 -16.54 -5.53
N ASP A 106 1.05 -16.48 -6.47
CA ASP A 106 2.21 -17.36 -6.34
C ASP A 106 3.06 -17.11 -5.07
N TRP A 107 3.31 -15.84 -4.72
CA TRP A 107 4.03 -15.48 -3.51
C TRP A 107 3.30 -16.01 -2.29
N ALA A 108 1.97 -15.85 -2.28
CA ALA A 108 1.15 -16.29 -1.19
C ALA A 108 1.29 -17.83 -1.03
N ARG A 109 1.29 -18.57 -2.16
CA ARG A 109 1.50 -20.01 -2.10
C ARG A 109 2.87 -20.37 -1.54
N GLU A 110 3.89 -19.55 -1.83
CA GLU A 110 5.24 -19.77 -1.30
C GLU A 110 5.38 -19.56 0.22
N GLY A 111 4.34 -18.99 0.86
CA GLY A 111 4.41 -18.73 2.30
C GLY A 111 4.52 -17.24 2.59
N VAL A 112 4.20 -16.37 1.62
CA VAL A 112 4.18 -14.91 1.90
C VAL A 112 2.72 -14.47 2.26
N LEU A 113 2.51 -14.08 3.51
CA LEU A 113 1.18 -13.65 3.93
C LEU A 113 1.05 -12.18 3.57
N LEU A 114 0.16 -11.86 2.64
CA LEU A 114 0.07 -10.50 2.09
C LEU A 114 -1.12 -9.78 2.71
N LEU A 115 -0.89 -9.28 3.90
CA LEU A 115 -1.93 -8.85 4.81
C LEU A 115 -2.06 -7.35 4.77
N ASN A 116 -3.20 -6.86 4.28
CA ASN A 116 -3.55 -5.47 4.41
C ASN A 116 -3.97 -5.26 5.85
N THR A 117 -3.74 -4.06 6.38
CA THR A 117 -4.20 -3.80 7.75
C THR A 117 -5.72 -3.54 7.82
N VAL A 118 -6.29 -3.08 6.71
CA VAL A 118 -7.73 -2.88 6.59
C VAL A 118 -8.16 -3.69 5.37
N LEU A 119 -9.26 -4.42 5.47
CA LEU A 119 -9.50 -5.46 4.47
C LEU A 119 -10.61 -5.14 3.46
N THR A 120 -11.23 -3.97 3.61
CA THR A 120 -12.28 -3.53 2.70
C THR A 120 -12.19 -2.03 2.49
N VAL A 121 -12.74 -1.58 1.37
CA VAL A 121 -12.75 -0.18 0.99
C VAL A 121 -13.96 0.10 0.08
N ARG A 122 -14.57 1.28 0.20
CA ARG A 122 -15.56 1.75 -0.77
C ARG A 122 -14.84 2.32 -1.98
N GLN A 123 -15.38 2.03 -3.15
CA GLN A 123 -14.86 2.53 -4.42
C GLN A 123 -14.48 4.02 -4.48
N GLY A 124 -13.25 4.31 -4.90
CA GLY A 124 -12.79 5.69 -5.02
C GLY A 124 -12.54 6.45 -3.71
N GLU A 125 -12.82 5.83 -2.57
CA GLU A 125 -12.71 6.52 -1.27
C GLU A 125 -11.65 5.87 -0.37
N ALA A 126 -10.44 6.40 -0.50
CA ALA A 126 -9.31 5.98 0.29
C ALA A 126 -9.65 6.07 1.76
N ASN A 127 -9.29 5.06 2.54
CA ASN A 127 -9.50 5.09 4.01
C ASN A 127 -10.97 5.06 4.46
N SER A 128 -11.88 4.80 3.54
CA SER A 128 -13.30 4.89 3.88
C SER A 128 -13.71 3.86 4.93
N HIS A 129 -12.95 2.76 5.06
CA HIS A 129 -13.26 1.72 6.10
C HIS A 129 -12.21 1.63 7.20
N ARG A 130 -11.42 2.69 7.34
CA ARG A 130 -10.57 2.85 8.50
C ARG A 130 -11.42 2.89 9.78
N ASP A 131 -10.90 2.25 10.83
CA ASP A 131 -11.56 2.23 12.14
C ASP A 131 -12.96 1.58 12.20
N ILE A 132 -13.24 0.60 11.36
CA ILE A 132 -14.53 -0.14 11.50
C ILE A 132 -14.31 -1.49 12.20
N GLY A 133 -13.09 -1.71 12.67
CA GLY A 133 -12.78 -2.97 13.31
C GLY A 133 -11.68 -3.79 12.66
N TRP A 134 -11.36 -3.55 11.38
CA TRP A 134 -10.26 -4.32 10.74
C TRP A 134 -8.92 -4.20 11.43
N GLU A 135 -8.59 -3.01 11.94
CA GLU A 135 -7.27 -2.80 12.62
C GLU A 135 -7.15 -3.66 13.88
N THR A 136 -8.25 -3.72 14.64
CA THR A 136 -8.34 -4.63 15.80
C THR A 136 -8.07 -6.07 15.35
N PHE A 137 -8.79 -6.52 14.35
CA PHE A 137 -8.61 -7.86 13.82
C PHE A 137 -7.16 -8.15 13.39
N THR A 138 -6.63 -7.22 12.64
CA THR A 138 -5.44 -7.45 11.87
C THR A 138 -4.20 -7.27 12.83
N ASP A 139 -4.28 -6.34 13.79
CA ASP A 139 -3.35 -6.28 14.93
C ASP A 139 -3.30 -7.58 15.69
N GLU A 140 -4.48 -8.18 15.91
CA GLU A 140 -4.51 -9.51 16.57
C GLU A 140 -3.87 -10.62 15.71
N ILE A 141 -4.00 -10.52 14.39
CA ILE A 141 -3.42 -11.47 13.48
C ILE A 141 -1.90 -11.41 13.54
N ILE A 142 -1.34 -10.19 13.53
CA ILE A 142 0.11 -9.97 13.60
C ILE A 142 0.68 -10.52 14.92
N LYS A 143 -0.04 -10.26 16.01
CA LYS A 143 0.33 -10.77 17.29
C LYS A 143 0.38 -12.31 17.29
N ALA A 144 -0.62 -12.91 16.66
CA ALA A 144 -0.80 -14.34 16.67
C ALA A 144 0.35 -14.96 15.91
N VAL A 145 0.70 -14.34 14.77
CA VAL A 145 1.82 -14.83 13.99
C VAL A 145 3.08 -14.76 14.83
N SER A 146 3.28 -13.62 15.48
CA SER A 146 4.46 -13.45 16.31
C SER A 146 4.50 -14.51 17.42
N ASP A 147 3.38 -14.65 18.14
CA ASP A 147 3.28 -15.54 19.32
C ASP A 147 3.49 -17.00 18.95
N TYR A 148 2.80 -17.47 17.91
CA TYR A 148 2.77 -18.90 17.68
C TYR A 148 3.72 -19.48 16.65
N LYS A 149 4.40 -18.64 15.88
CA LYS A 149 5.32 -19.17 14.88
C LYS A 149 6.68 -19.05 15.49
N GLU A 150 7.60 -19.87 15.00
CA GLU A 150 8.94 -19.93 15.54
C GLU A 150 9.81 -18.82 14.96
N HIS A 151 9.83 -18.64 13.62
CA HIS A 151 10.81 -17.72 12.98
C HIS A 151 10.25 -17.18 11.65
N VAL A 152 9.72 -15.97 11.63
CA VAL A 152 9.07 -15.41 10.46
C VAL A 152 9.80 -14.11 10.10
N VAL A 153 9.81 -13.74 8.82
CA VAL A 153 10.26 -12.39 8.41
C VAL A 153 9.04 -11.47 8.32
N PHE A 154 9.07 -10.34 9.01
CA PHE A 154 8.01 -9.33 8.86
C PHE A 154 8.64 -8.23 8.02
N ILE A 155 7.98 -7.85 6.92
CA ILE A 155 8.50 -6.82 6.05
C ILE A 155 7.61 -5.61 6.20
N LEU A 156 8.16 -4.50 6.68
CA LEU A 156 7.37 -3.35 7.07
C LEU A 156 7.73 -2.11 6.29
N TRP A 157 6.95 -1.86 5.24
CA TRP A 157 7.14 -0.73 4.35
C TRP A 157 6.29 0.48 4.72
N GLY A 158 6.97 1.60 4.99
CA GLY A 158 6.24 2.85 5.30
C GLY A 158 6.08 3.00 6.80
N LYS A 159 5.89 4.22 7.27
CA LYS A 159 5.67 4.45 8.73
C LYS A 159 4.49 3.69 9.33
N PRO A 160 3.30 3.71 8.66
CA PRO A 160 2.16 2.98 9.30
C PRO A 160 2.46 1.50 9.62
N ALA A 161 3.12 0.77 8.71
CA ALA A 161 3.46 -0.61 8.94
C ALA A 161 4.46 -0.73 10.09
N GLN A 162 5.40 0.22 10.15
CA GLN A 162 6.40 0.23 11.18
C GLN A 162 5.79 0.49 12.57
N GLN A 163 4.60 1.06 12.65
CA GLN A 163 3.90 1.14 13.95
C GLN A 163 3.53 -0.24 14.54
N LYS A 164 3.63 -1.31 13.76
CA LYS A 164 3.36 -2.69 14.26
C LYS A 164 4.59 -3.37 14.86
N ILE A 165 5.73 -2.69 14.85
CA ILE A 165 6.95 -3.27 15.46
C ILE A 165 6.74 -3.75 16.88
N LYS A 166 5.92 -3.03 17.65
CA LYS A 166 5.70 -3.34 19.07
C LYS A 166 4.89 -4.63 19.27
N LEU A 167 4.29 -5.14 18.19
CA LEU A 167 3.53 -6.38 18.28
C LEU A 167 4.37 -7.62 17.94
N ILE A 168 5.61 -7.41 17.48
CA ILE A 168 6.47 -8.45 16.94
C ILE A 168 7.66 -8.71 17.89
N ASP A 169 7.81 -9.97 18.32
CA ASP A 169 8.94 -10.38 19.14
C ASP A 169 10.21 -10.52 18.29
N THR A 170 11.13 -9.56 18.42
CA THR A 170 12.33 -9.56 17.60
C THR A 170 13.42 -10.47 18.16
N SER A 171 13.23 -11.05 19.32
CA SER A 171 14.15 -12.14 19.71
C SER A 171 13.83 -13.42 18.91
N LYS A 172 12.60 -13.54 18.41
CA LYS A 172 12.16 -14.72 17.64
C LYS A 172 12.22 -14.45 16.14
N HIS A 173 11.89 -13.22 15.75
CA HIS A 173 11.51 -12.90 14.38
C HIS A 173 12.43 -11.84 13.71
N CYS A 174 12.40 -11.80 12.38
CA CYS A 174 13.24 -10.85 11.65
C CYS A 174 12.37 -9.70 11.12
N ILE A 175 12.73 -8.47 11.48
CA ILE A 175 12.09 -7.32 10.92
C ILE A 175 12.93 -6.68 9.84
N ILE A 176 12.33 -6.53 8.66
CA ILE A 176 12.94 -5.77 7.57
C ILE A 176 12.00 -4.60 7.27
N LYS A 177 12.54 -3.38 7.28
CA LYS A 177 11.75 -2.17 7.23
C LYS A 177 12.47 -1.11 6.41
N SER A 178 11.69 -0.25 5.77
CA SER A 178 12.26 0.76 4.91
C SER A 178 11.14 1.72 4.62
N VAL A 179 11.47 2.79 3.94
CA VAL A 179 10.41 3.65 3.39
C VAL A 179 9.52 2.85 2.42
N HIS A 180 8.35 3.40 2.18
CA HIS A 180 7.40 2.79 1.28
C HIS A 180 7.87 2.74 -0.20
N PRO A 181 7.57 1.62 -0.92
CA PRO A 181 7.92 1.54 -2.37
C PRO A 181 7.16 2.48 -3.32
N SER A 182 6.17 3.21 -2.82
CA SER A 182 5.51 4.22 -3.68
C SER A 182 6.55 5.17 -4.34
N PRO A 183 6.29 5.59 -5.61
CA PRO A 183 7.24 6.48 -6.27
C PRO A 183 7.38 7.81 -5.50
N LEU A 184 6.43 8.12 -4.61
CA LEU A 184 6.54 9.31 -3.76
C LEU A 184 7.68 9.20 -2.75
N SER A 185 8.02 7.99 -2.32
CA SER A 185 9.02 7.82 -1.26
C SER A 185 10.19 6.94 -1.65
N ALA A 186 10.07 6.23 -2.75
CA ALA A 186 10.93 5.05 -2.98
C ALA A 186 12.42 5.36 -3.04
N TYR A 187 12.78 6.56 -3.46
CA TYR A 187 14.19 6.98 -3.59
C TYR A 187 14.89 7.35 -2.27
N ARG A 188 14.12 7.44 -1.20
CA ARG A 188 14.61 7.69 0.14
C ARG A 188 14.94 6.40 0.89
N GLY A 189 15.17 5.31 0.17
CA GLY A 189 15.61 4.09 0.84
C GLY A 189 14.92 2.79 0.42
N PHE A 190 13.88 2.84 -0.41
CA PHE A 190 13.33 1.57 -0.89
C PHE A 190 14.26 0.91 -1.94
N PHE A 191 14.65 1.66 -2.96
CA PHE A 191 15.56 1.10 -3.94
C PHE A 191 16.90 0.81 -3.34
N GLY A 192 17.42 -0.39 -3.58
CA GLY A 192 18.71 -0.79 -3.01
C GLY A 192 18.53 -1.46 -1.66
N SER A 193 17.30 -1.55 -1.14
CA SER A 193 17.09 -2.10 0.20
C SER A 193 17.08 -3.62 0.21
N LYS A 194 16.94 -4.26 -0.95
CA LYS A 194 17.04 -5.70 -1.06
C LYS A 194 16.26 -6.53 -0.04
N PRO A 195 14.96 -6.23 0.14
CA PRO A 195 14.17 -6.94 1.12
C PRO A 195 14.01 -8.42 0.77
N TYR A 196 14.06 -8.74 -0.52
CA TYR A 196 13.75 -10.11 -0.92
C TYR A 196 14.86 -11.08 -0.60
N SER A 197 16.09 -10.73 -0.96
CA SER A 197 17.24 -11.55 -0.59
C SER A 197 17.51 -11.44 0.91
N LYS A 198 17.29 -10.29 1.55
CA LYS A 198 17.46 -10.21 3.00
C LYS A 198 16.53 -11.21 3.72
N ALA A 199 15.31 -11.35 3.22
CA ALA A 199 14.34 -12.24 3.79
C ALA A 199 14.78 -13.71 3.64
N ASN A 200 15.29 -14.02 2.46
CA ASN A 200 15.75 -15.34 2.17
C ASN A 200 17.00 -15.73 2.94
N THR A 201 17.98 -14.81 3.03
CA THR A 201 19.15 -15.03 3.88
C THR A 201 18.71 -15.33 5.32
N TYR A 202 17.69 -14.63 5.84
CA TYR A 202 17.34 -14.89 7.23
C TYR A 202 16.70 -16.27 7.29
N LEU A 203 15.77 -16.56 6.38
CA LEU A 203 15.13 -17.86 6.38
C LEU A 203 16.17 -19.01 6.39
N GLU A 204 17.21 -18.91 5.55
CA GLU A 204 18.24 -19.94 5.50
C GLU A 204 19.06 -20.05 6.77
N SER A 205 19.21 -18.92 7.49
CA SER A 205 20.00 -18.88 8.72
C SER A 205 19.31 -19.67 9.82
N VAL A 206 18.05 -19.98 9.59
CA VAL A 206 17.16 -20.49 10.61
C VAL A 206 16.64 -21.84 10.08
N GLY A 207 17.31 -22.31 9.04
CA GLY A 207 17.06 -23.64 8.48
C GLY A 207 15.78 -23.80 7.68
N LYS A 208 15.27 -22.70 7.12
CA LYS A 208 14.09 -22.76 6.28
C LYS A 208 14.46 -22.55 4.81
N SER A 209 13.68 -23.11 3.90
CA SER A 209 13.98 -22.87 2.50
C SER A 209 13.52 -21.46 2.03
N PRO A 210 14.26 -20.89 1.06
CA PRO A 210 13.99 -19.51 0.62
C PRO A 210 12.60 -19.37 -0.04
N ILE A 211 12.10 -18.14 -0.17
CA ILE A 211 10.90 -17.89 -0.96
C ILE A 211 11.36 -17.90 -2.43
N ASN A 212 10.64 -18.60 -3.29
CA ASN A 212 10.81 -18.34 -4.71
C ASN A 212 9.94 -17.13 -5.11
N TRP A 213 10.59 -16.01 -5.35
CA TRP A 213 9.88 -14.76 -5.64
C TRP A 213 9.57 -14.60 -7.16
N CYS A 214 10.19 -15.42 -8.01
CA CYS A 214 10.02 -15.37 -9.47
C CYS A 214 8.66 -15.92 -9.85
N GLU A 215 8.22 -15.68 -11.07
CA GLU A 215 6.93 -16.26 -11.48
C GLU A 215 6.91 -17.80 -11.29
N SER A 216 5.93 -18.30 -10.53
CA SER A 216 5.81 -19.74 -10.23
C SER A 216 4.34 -20.20 -10.21
N MET B 1 -16.78 20.20 -10.45
CA MET B 1 -15.76 19.24 -10.92
C MET B 1 -14.77 18.86 -9.84
N THR B 2 -14.53 17.56 -9.68
CA THR B 2 -13.63 17.09 -8.64
C THR B 2 -12.20 17.56 -8.92
N LEU B 3 -11.43 17.72 -7.84
CA LEU B 3 -9.99 17.96 -7.92
C LEU B 3 -9.23 16.95 -8.82
N GLU B 4 -9.46 15.66 -8.64
CA GLU B 4 -8.87 14.64 -9.49
C GLU B 4 -9.14 14.96 -10.96
N LEU B 5 -10.37 15.33 -11.27
CA LEU B 5 -10.71 15.54 -12.68
C LEU B 5 -10.10 16.84 -13.24
N GLN B 6 -10.05 17.91 -12.42
CA GLN B 6 -9.31 19.12 -12.80
C GLN B 6 -7.84 18.78 -13.08
N LEU B 7 -7.25 17.94 -12.23
CA LEU B 7 -5.86 17.58 -12.37
C LEU B 7 -5.71 16.81 -13.69
N LYS B 8 -6.59 15.84 -13.92
CA LYS B 8 -6.57 15.09 -15.17
C LYS B 8 -6.65 16.02 -16.42
N HIS B 9 -7.62 16.95 -16.46
CA HIS B 9 -7.72 17.87 -17.61
C HIS B 9 -6.42 18.64 -17.79
N TYR B 10 -5.81 19.04 -16.68
CA TYR B 10 -4.62 19.86 -16.77
C TYR B 10 -3.48 19.04 -17.33
N ILE B 11 -3.28 17.85 -16.78
CA ILE B 11 -2.17 17.01 -17.23
C ILE B 11 -2.35 16.48 -18.68
N THR B 12 -3.56 16.12 -19.05
CA THR B 12 -3.75 15.52 -20.36
C THR B 12 -3.54 16.58 -21.43
N ASN B 13 -3.97 17.80 -21.14
CA ASN B 13 -3.72 18.90 -22.08
C ASN B 13 -2.21 19.24 -22.14
N LEU B 14 -1.58 19.37 -20.97
CA LEU B 14 -0.16 19.70 -20.92
C LEU B 14 0.73 18.65 -21.62
N PHE B 15 0.44 17.36 -21.43
CA PHE B 15 1.29 16.31 -21.97
C PHE B 15 0.72 15.69 -23.26
N ASN B 16 -0.38 16.26 -23.77
CA ASN B 16 -1.05 15.74 -24.97
C ASN B 16 -1.39 14.24 -24.87
N LEU B 17 -2.03 13.87 -23.76
CA LEU B 17 -2.46 12.50 -23.51
C LEU B 17 -3.91 12.27 -23.98
N PRO B 18 -4.25 11.00 -24.29
CA PRO B 18 -5.64 10.65 -24.65
C PRO B 18 -6.61 10.97 -23.50
N LYS B 19 -7.67 11.68 -23.83
CA LYS B 19 -8.61 12.18 -22.85
C LYS B 19 -9.48 11.10 -22.25
N ASP B 20 -9.74 10.02 -23.00
CA ASP B 20 -10.61 8.98 -22.47
C ASP B 20 -9.87 7.75 -22.00
N GLU B 21 -8.55 7.87 -21.87
CA GLU B 21 -7.78 6.88 -21.16
C GLU B 21 -8.16 6.96 -19.69
N LYS B 22 -8.40 5.80 -19.07
CA LYS B 22 -8.75 5.72 -17.66
C LYS B 22 -7.51 6.01 -16.82
N TRP B 23 -7.68 6.86 -15.79
CA TRP B 23 -6.67 7.05 -14.75
C TRP B 23 -7.07 6.19 -13.56
N GLU B 24 -6.19 5.30 -13.13
CA GLU B 24 -6.39 4.60 -11.88
C GLU B 24 -5.67 5.36 -10.78
N CYS B 25 -5.95 5.01 -9.52
CA CYS B 25 -5.42 5.77 -8.42
C CYS B 25 -4.97 4.80 -7.35
N GLU B 26 -3.76 4.99 -6.86
CA GLU B 26 -3.25 4.27 -5.67
C GLU B 26 -3.17 5.22 -4.48
N SER B 27 -3.75 4.79 -3.37
CA SER B 27 -3.73 5.54 -2.11
C SER B 27 -2.89 4.87 -1.06
N ILE B 28 -1.91 5.62 -0.57
CA ILE B 28 -0.92 5.13 0.35
C ILE B 28 -0.71 6.22 1.41
N GLU B 29 -0.56 5.85 2.69
CA GLU B 29 -0.15 6.75 3.75
C GLU B 29 1.32 6.60 3.93
N GLU B 30 2.00 7.73 4.06
CA GLU B 30 3.44 7.75 4.35
C GLU B 30 3.78 9.10 5.05
N ILE B 31 4.83 9.07 5.87
CA ILE B 31 5.25 10.22 6.63
C ILE B 31 5.74 11.31 5.64
N ALA B 32 5.36 12.58 5.89
CA ALA B 32 5.79 13.70 5.01
C ALA B 32 7.28 13.78 4.80
N ASP B 33 8.05 13.40 5.83
CA ASP B 33 9.51 13.46 5.71
C ASP B 33 10.07 12.54 4.64
N ASP B 34 9.33 11.50 4.27
CA ASP B 34 9.80 10.60 3.19
C ASP B 34 9.18 10.85 1.80
N ILE B 35 8.35 11.87 1.71
CA ILE B 35 7.64 12.16 0.48
C ILE B 35 8.10 13.47 -0.15
N LEU B 36 8.22 14.52 0.67
CA LEU B 36 8.43 15.87 0.17
C LEU B 36 9.89 16.31 0.22
N PRO B 37 10.27 17.30 -0.61
CA PRO B 37 11.61 17.86 -0.48
C PRO B 37 11.87 18.37 0.93
N ASP B 38 13.10 18.15 1.39
CA ASP B 38 13.56 18.52 2.72
C ASP B 38 13.22 19.99 3.14
N GLN B 39 13.34 20.94 2.21
CA GLN B 39 13.14 22.35 2.54
C GLN B 39 11.68 22.59 2.96
N TYR B 40 10.78 21.66 2.63
CA TYR B 40 9.32 21.84 2.87
C TYR B 40 8.83 20.95 4.03
N VAL B 41 9.77 20.31 4.69
CA VAL B 41 9.47 19.41 5.82
C VAL B 41 10.18 19.96 7.07
N ARG B 42 9.43 20.62 7.95
CA ARG B 42 10.01 21.38 9.04
C ARG B 42 9.22 21.13 10.30
N LEU B 43 9.96 21.08 11.41
CA LEU B 43 9.41 20.85 12.75
C LEU B 43 8.31 21.87 13.05
N GLY B 44 7.14 21.40 13.54
CA GLY B 44 5.96 22.25 13.76
C GLY B 44 5.09 22.48 12.53
N ALA B 45 5.56 22.10 11.35
CA ALA B 45 4.78 22.26 10.14
C ALA B 45 4.50 20.85 9.60
N LEU B 46 5.12 20.42 8.48
CA LEU B 46 4.85 19.05 8.00
C LEU B 46 5.64 17.91 8.67
N SER B 47 6.75 18.23 9.36
CA SER B 47 7.57 17.15 9.93
C SER B 47 6.78 16.21 10.85
N ASN B 48 7.02 14.93 10.66
CA ASN B 48 6.42 13.88 11.45
C ASN B 48 4.89 13.75 11.25
N LYS B 49 4.38 14.26 10.14
CA LYS B 49 2.97 14.13 9.86
C LYS B 49 2.73 13.04 8.81
N ILE B 50 1.75 12.17 9.06
CA ILE B 50 1.40 11.13 8.10
C ILE B 50 0.45 11.74 7.08
N LEU B 51 0.82 11.68 5.79
CA LEU B 51 -0.06 12.19 4.73
C LEU B 51 -0.83 11.05 4.07
N GLN B 52 -2.06 11.36 3.67
CA GLN B 52 -2.85 10.53 2.75
C GLN B 52 -2.53 11.02 1.32
N THR B 53 -2.21 10.07 0.48
CA THR B 53 -1.48 10.26 -0.74
C THR B 53 -2.37 9.61 -1.82
N TYR B 54 -2.55 10.30 -2.94
CA TYR B 54 -3.26 9.79 -4.13
C TYR B 54 -2.31 9.97 -5.33
N THR B 55 -1.95 8.86 -5.97
CA THR B 55 -1.07 8.91 -7.11
C THR B 55 -1.80 8.26 -8.29
N TYR B 56 -1.81 8.95 -9.42
CA TYR B 56 -2.64 8.52 -10.52
C TYR B 56 -1.75 7.88 -11.56
N TYR B 57 -2.29 6.89 -12.27
CA TYR B 57 -1.47 6.15 -13.19
C TYR B 57 -2.29 5.59 -14.37
N SER B 58 -1.61 5.46 -15.50
CA SER B 58 -2.19 4.86 -16.71
C SER B 58 -1.02 4.56 -17.63
N ASP B 59 -1.28 3.83 -18.72
CA ASP B 59 -0.20 3.45 -19.62
C ASP B 59 0.48 4.64 -20.29
N THR B 60 -0.29 5.65 -20.73
CA THR B 60 0.40 6.80 -21.36
C THR B 60 1.07 7.68 -20.31
N LEU B 61 0.57 7.63 -19.06
CA LEU B 61 1.28 8.31 -17.98
C LEU B 61 2.63 7.65 -17.74
N HIS B 62 2.67 6.32 -17.74
CA HIS B 62 3.94 5.59 -17.56
C HIS B 62 4.91 5.86 -18.73
N GLU B 63 4.38 5.91 -19.96
CA GLU B 63 5.14 6.25 -21.18
C GLU B 63 5.74 7.67 -21.10
N SER B 64 4.98 8.62 -20.58
CA SER B 64 5.55 9.95 -20.31
C SER B 64 6.44 10.03 -19.05
N ASN B 65 6.48 8.95 -18.25
CA ASN B 65 7.26 8.93 -17.00
C ASN B 65 6.84 10.00 -16.00
N ILE B 66 5.54 10.18 -15.85
CA ILE B 66 5.12 11.07 -14.81
C ILE B 66 4.09 10.45 -13.83
N TYR B 67 3.99 11.02 -12.64
CA TYR B 67 3.03 10.59 -11.64
C TYR B 67 2.30 11.81 -11.08
N PRO B 68 1.10 12.10 -11.60
CA PRO B 68 0.26 13.09 -10.96
C PRO B 68 -0.15 12.61 -9.54
N PHE B 69 -0.23 13.53 -8.58
CA PHE B 69 -0.42 13.23 -7.16
C PHE B 69 -1.21 14.35 -6.51
N ILE B 70 -1.95 13.96 -5.47
CA ILE B 70 -2.64 14.85 -4.59
C ILE B 70 -2.37 14.37 -3.15
N LEU B 71 -2.03 15.29 -2.25
CA LEU B 71 -1.63 14.99 -0.87
C LEU B 71 -2.53 15.72 0.14
N TYR B 72 -2.97 15.01 1.17
CA TYR B 72 -3.80 15.53 2.24
C TYR B 72 -3.15 15.21 3.56
N TYR B 73 -3.40 16.06 4.55
CA TYR B 73 -3.20 15.74 5.95
C TYR B 73 -4.59 15.81 6.59
N GLN B 74 -5.16 14.64 6.86
CA GLN B 74 -6.58 14.56 7.23
C GLN B 74 -7.45 15.33 6.22
N LYS B 75 -8.19 16.34 6.66
CA LYS B 75 -9.09 17.06 5.75
C LYS B 75 -8.44 18.26 5.03
N GLN B 76 -7.19 18.55 5.35
CA GLN B 76 -6.54 19.66 4.74
C GLN B 76 -5.69 19.23 3.55
N LEU B 77 -6.01 19.76 2.37
CA LEU B 77 -5.19 19.67 1.18
C LEU B 77 -3.77 20.18 1.43
N ILE B 78 -2.78 19.38 1.05
CA ILE B 78 -1.37 19.73 1.30
C ILE B 78 -0.63 20.00 0.01
N ALA B 79 -0.89 19.20 -1.04
CA ALA B 79 -0.20 19.35 -2.31
C ALA B 79 -1.00 18.85 -3.50
N ILE B 80 -0.76 19.49 -4.65
CA ILE B 80 -1.17 18.99 -5.95
C ILE B 80 0.03 19.14 -6.87
N GLY B 81 0.30 18.10 -7.64
CA GLY B 81 1.36 18.21 -8.61
C GLY B 81 1.60 16.95 -9.38
N TYR B 82 2.81 16.82 -9.86
CA TYR B 82 3.22 15.60 -10.52
C TYR B 82 4.71 15.41 -10.36
N ILE B 83 5.11 14.18 -10.20
CA ILE B 83 6.52 13.81 -10.26
C ILE B 83 6.84 13.74 -11.76
N ASP B 84 7.83 14.52 -12.21
CA ASP B 84 8.16 14.58 -13.65
C ASP B 84 9.15 13.49 -14.06
N GLU B 85 9.60 13.56 -15.32
CA GLU B 85 10.51 12.55 -15.91
C GLU B 85 11.90 12.48 -15.25
N ASN B 86 12.33 13.56 -14.59
CA ASN B 86 13.59 13.55 -13.79
C ASN B 86 13.42 13.07 -12.38
N HIS B 87 12.20 12.62 -12.05
CA HIS B 87 11.82 12.21 -10.67
C HIS B 87 11.85 13.39 -9.68
N ASP B 88 11.73 14.61 -10.19
CA ASP B 88 11.47 15.77 -9.34
C ASP B 88 9.97 16.02 -9.21
N MET B 89 9.57 16.47 -8.02
CA MET B 89 8.22 16.91 -7.74
C MET B 89 7.98 18.34 -8.23
N ASP B 90 6.90 18.50 -8.97
CA ASP B 90 6.52 19.72 -9.63
C ASP B 90 5.18 20.09 -9.03
N PHE B 91 5.11 21.19 -8.28
CA PHE B 91 3.89 21.57 -7.52
C PHE B 91 2.99 22.60 -8.21
N LEU B 92 1.69 22.35 -8.17
CA LEU B 92 0.70 23.40 -8.49
C LEU B 92 0.20 24.02 -7.19
N TYR B 93 0.32 23.28 -6.10
CA TYR B 93 -0.20 23.71 -4.82
C TYR B 93 0.65 23.06 -3.75
N LEU B 94 0.94 23.82 -2.70
CA LEU B 94 1.67 23.31 -1.53
C LEU B 94 1.33 24.13 -0.31
N HIS B 95 0.91 23.43 0.74
CA HIS B 95 0.55 24.06 2.00
C HIS B 95 1.26 23.24 3.07
N ASN B 96 1.79 23.90 4.10
CA ASN B 96 2.50 23.19 5.14
C ASN B 96 1.77 23.03 6.47
N THR B 97 0.44 23.13 6.43
CA THR B 97 -0.47 23.22 7.60
C THR B 97 -0.43 24.56 8.35
N ILE B 98 0.49 25.45 7.99
CA ILE B 98 0.52 26.79 8.62
C ILE B 98 0.01 27.82 7.61
N MET B 99 0.69 27.92 6.46
CA MET B 99 0.33 28.85 5.39
C MET B 99 0.49 28.17 4.04
N PRO B 100 -0.22 28.66 3.01
CA PRO B 100 0.05 28.20 1.63
C PRO B 100 1.47 28.61 1.19
N LEU B 101 2.24 27.69 0.62
CA LEU B 101 3.59 28.03 0.21
C LEU B 101 3.65 28.27 -1.29
N LEU B 102 2.89 27.49 -2.06
CA LEU B 102 2.85 27.63 -3.52
C LEU B 102 1.40 27.52 -3.89
N ASP B 103 0.94 28.35 -4.82
CA ASP B 103 -0.46 28.28 -5.21
C ASP B 103 -0.65 28.74 -6.65
N GLN B 104 -0.57 27.78 -7.59
CA GLN B 104 -0.94 28.00 -8.99
C GLN B 104 -2.18 27.17 -9.32
N ARG B 105 -3.16 27.13 -8.41
CA ARG B 105 -4.41 26.40 -8.69
C ARG B 105 -5.26 27.01 -9.81
N TYR B 106 -4.99 28.26 -10.18
CA TYR B 106 -5.63 28.86 -11.36
C TYR B 106 -5.36 28.03 -12.65
N LEU B 107 -4.23 27.34 -12.69
CA LEU B 107 -3.95 26.41 -13.78
C LEU B 107 -4.98 25.27 -13.96
N LEU B 108 -5.72 24.94 -12.89
CA LEU B 108 -6.73 23.89 -12.92
C LEU B 108 -8.11 24.35 -13.37
N THR B 109 -8.34 25.66 -13.40
CA THR B 109 -9.59 26.24 -14.00
C THR B 109 -9.70 25.75 -15.44
N GLY B 110 -10.83 25.12 -15.79
CA GLY B 110 -10.97 24.39 -17.06
C GLY B 110 -12.18 24.84 -17.87
#